data_9GLA
#
_entry.id   9GLA
#
_cell.length_a   71.937
_cell.length_b   109.786
_cell.length_c   163.554
_cell.angle_alpha   90.00
_cell.angle_beta   90.00
_cell.angle_gamma   90.00
#
_symmetry.space_group_name_H-M   'C 2 2 21'
#
loop_
_entity.id
_entity.type
_entity.pdbx_description
1 polymer 'Cyclin-dependent kinase 2'
2 polymer Cyclin-A2
3 non-polymer 7-dimethylphosphoryl-3-[2-[[(3~{S})-6,6-dimethylpiperidin-3-yl]amino]-5-(trifluoromethyl)pyrimidin-4-yl]-1~{H}-indole-6-carbonitrile
4 non-polymer MONOTHIOGLYCEROL
5 non-polymer 'SODIUM ION'
6 water water
#
loop_
_entity_poly.entity_id
_entity_poly.type
_entity_poly.pdbx_seq_one_letter_code
_entity_poly.pdbx_strand_id
1 'polypeptide(L)'
;MENFQKVDFLGEGQFGVVYKARNKLTGEVVALKKIRLDTETEGVPSTAIREISLLKELNHPNIIKLLDVIHTENKLYLVF
EFMETDLEVFMDASALTGIPLPLIKSYLFQLLQGLAFCHSHRVLHRDLKPNNLLINTEGAIKLADFGLARAFGVPVRTY
(TPO)HEVVTLWYRAPEILLGCKYYSTAVDIWSLGCIFAEMVTRRALFPGDSEIDQLFRIFRTLGTPDEVVWPGVTSMPD
YKPSFPKWARQDFSKVVPPLDEDGRSLLSQMLHYDPNKRISAKAALAHPFFQDVTKPVPHLRL
;
A
2 'polypeptide(L)'
;VPDYHEDIHTYLREMEVKCKPKVGYMKKQPDITNSMRAILVDWLVEVGEEYKLQNETLHLAVNYIDRFLSSMSVLRGKLQ
LVGTAAMLLASKFEEIYPPEVAEFVYITDDTYTKKQVLRMEHLVLKVLTFDLAAPTVNQFLTQYFLHQQPANCKVESLAM
FLGELSLIDADPYLKYLPSVIAGAAFHLALYTVTGQSWPESLIRKTGYTLESLKPCLMDLHQTYLKAPQHAQQSIREKYK
NSKYHGVSLLNPPETLNL
;
B
#
# COMPACT_ATOMS: atom_id res chain seq x y z
N GLU A 2 -11.08 -22.74 -21.72
CA GLU A 2 -10.90 -23.16 -20.30
C GLU A 2 -12.02 -24.11 -19.87
N ASN A 3 -12.07 -24.41 -18.56
CA ASN A 3 -13.25 -24.99 -17.93
C ASN A 3 -14.38 -23.97 -17.75
N PHE A 4 -14.27 -22.76 -18.36
CA PHE A 4 -15.25 -21.68 -18.23
C PHE A 4 -16.07 -21.47 -19.51
N GLN A 5 -17.39 -21.30 -19.32
CA GLN A 5 -18.35 -20.95 -20.37
C GLN A 5 -18.73 -19.48 -20.24
N LYS A 6 -18.47 -18.66 -21.28
CA LYS A 6 -18.86 -17.24 -21.30
C LYS A 6 -20.39 -17.18 -21.38
N VAL A 7 -21.02 -16.65 -20.32
CA VAL A 7 -22.47 -16.55 -20.21
C VAL A 7 -22.93 -15.19 -20.75
N ASP A 8 -22.33 -14.09 -20.26
CA ASP A 8 -22.66 -12.71 -20.65
C ASP A 8 -21.47 -11.75 -20.52
N PHE A 9 -21.38 -10.81 -21.48
CA PHE A 9 -20.45 -9.70 -21.45
C PHE A 9 -20.95 -8.61 -20.49
N LEU A 10 -20.08 -8.12 -19.60
CA LEU A 10 -20.45 -7.15 -18.56
C LEU A 10 -19.88 -5.75 -18.87
N GLY A 11 -18.74 -5.64 -19.55
CA GLY A 11 -18.20 -4.32 -19.88
C GLY A 11 -16.71 -4.33 -20.16
N GLU A 12 -16.28 -3.41 -21.04
CA GLU A 12 -14.89 -3.18 -21.44
C GLU A 12 -14.44 -1.91 -20.74
N GLY A 13 -13.23 -1.93 -20.17
CA GLY A 13 -12.62 -0.76 -19.56
C GLY A 13 -11.27 -0.49 -20.20
N GLN A 14 -10.52 0.50 -19.69
CA GLN A 14 -9.12 0.63 -20.01
C GLN A 14 -8.38 -0.54 -19.38
N PHE A 15 -8.77 -0.90 -18.16
CA PHE A 15 -8.14 -1.93 -17.34
C PHE A 15 -8.38 -3.31 -17.96
N GLY A 16 -9.56 -3.51 -18.55
CA GLY A 16 -9.81 -4.70 -19.34
C GLY A 16 -11.30 -5.10 -19.40
N VAL A 17 -11.51 -6.35 -19.84
CA VAL A 17 -12.80 -6.92 -20.22
C VAL A 17 -13.30 -7.84 -19.10
N VAL A 18 -14.59 -7.72 -18.75
CA VAL A 18 -15.23 -8.56 -17.74
C VAL A 18 -16.42 -9.33 -18.34
N TYR A 19 -16.40 -10.66 -18.13
CA TYR A 19 -17.48 -11.57 -18.50
C TYR A 19 -18.07 -12.25 -17.27
N LYS A 20 -19.40 -12.45 -17.28
CA LYS A 20 -20.05 -13.44 -16.43
C LYS A 20 -19.81 -14.83 -17.05
N ALA A 21 -19.39 -15.79 -16.24
CA ALA A 21 -19.00 -17.13 -16.71
C ALA A 21 -19.42 -18.21 -15.71
N ARG A 22 -19.56 -19.44 -16.25
CA ARG A 22 -19.89 -20.66 -15.51
C ARG A 22 -18.68 -21.59 -15.56
N ASN A 23 -18.30 -22.15 -14.40
CA ASN A 23 -17.47 -23.34 -14.36
C ASN A 23 -18.28 -24.54 -14.88
N LYS A 24 -17.89 -25.07 -16.05
CA LYS A 24 -18.56 -26.18 -16.73
C LYS A 24 -18.49 -27.52 -15.97
N LEU A 25 -17.60 -27.62 -14.97
CA LEU A 25 -17.43 -28.85 -14.19
C LEU A 25 -18.09 -28.74 -12.81
N THR A 26 -18.02 -27.58 -12.15
CA THR A 26 -18.57 -27.40 -10.81
C THR A 26 -19.87 -26.59 -10.78
N GLY A 27 -20.17 -25.85 -11.87
CA GLY A 27 -21.37 -25.03 -11.96
C GLY A 27 -21.21 -23.62 -11.36
N GLU A 28 -20.15 -23.41 -10.54
CA GLU A 28 -19.90 -22.12 -9.89
C GLU A 28 -19.93 -20.99 -10.92
N VAL A 29 -20.74 -19.94 -10.65
CA VAL A 29 -20.82 -18.72 -11.47
C VAL A 29 -19.74 -17.74 -11.02
N VAL A 30 -18.95 -17.18 -11.95
CA VAL A 30 -17.85 -16.27 -11.65
C VAL A 30 -17.92 -15.03 -12.55
N ALA A 31 -17.16 -13.99 -12.17
CA ALA A 31 -16.82 -12.89 -13.05
C ALA A 31 -15.36 -13.05 -13.46
N LEU A 32 -15.09 -13.14 -14.77
CA LEU A 32 -13.74 -13.23 -15.33
C LEU A 32 -13.30 -11.85 -15.79
N LYS A 33 -12.19 -11.35 -15.25
CA LYS A 33 -11.54 -10.12 -15.69
C LYS A 33 -10.37 -10.52 -16.59
N LYS A 34 -10.52 -10.34 -17.92
CA LYS A 34 -9.41 -10.48 -18.86
C LYS A 34 -8.60 -9.18 -18.80
N ILE A 35 -7.37 -9.24 -18.30
CA ILE A 35 -6.54 -8.04 -18.21
C ILE A 35 -6.04 -7.70 -19.62
N ARG A 36 -6.19 -6.40 -19.97
CA ARG A 36 -5.74 -5.87 -21.25
C ARG A 36 -4.21 -5.95 -21.20
N LEU A 37 -3.65 -6.96 -21.86
CA LEU A 37 -2.20 -7.11 -21.97
C LEU A 37 -1.77 -6.54 -23.32
N ASP A 38 -2.45 -6.99 -24.39
CA ASP A 38 -2.30 -6.50 -25.76
C ASP A 38 -0.83 -6.48 -26.17
N GLU A 40 1.93 -5.45 -24.70
CA GLU A 40 2.43 -4.92 -23.40
C GLU A 40 3.91 -4.61 -23.57
N THR A 41 4.24 -3.32 -23.63
CA THR A 41 5.63 -2.89 -23.70
C THR A 41 6.33 -3.26 -22.39
N GLU A 42 5.63 -3.12 -21.26
CA GLU A 42 6.22 -3.29 -19.94
C GLU A 42 5.80 -4.58 -19.25
N GLY A 43 5.21 -5.56 -19.95
CA GLY A 43 4.87 -6.79 -19.27
C GLY A 43 3.59 -6.63 -18.47
N VAL A 44 3.55 -7.09 -17.21
CA VAL A 44 2.31 -7.08 -16.44
C VAL A 44 2.08 -5.67 -15.91
N PRO A 45 0.88 -5.07 -16.12
CA PRO A 45 0.56 -3.75 -15.59
C PRO A 45 0.66 -3.67 -14.07
N SER A 46 1.20 -2.56 -13.54
CA SER A 46 1.24 -2.29 -12.11
C SER A 46 -0.12 -2.47 -11.44
N THR A 47 -1.20 -2.06 -12.13
CA THR A 47 -2.53 -2.12 -11.54
C THR A 47 -2.92 -3.57 -11.33
N ALA A 48 -2.55 -4.45 -12.28
CA ALA A 48 -2.82 -5.88 -12.14
C ALA A 48 -2.02 -6.45 -10.97
N ILE A 49 -0.73 -6.08 -10.87
CA ILE A 49 0.14 -6.58 -9.82
C ILE A 49 -0.37 -6.15 -8.45
N ARG A 50 -0.72 -4.87 -8.29
CA ARG A 50 -1.27 -4.37 -7.03
C ARG A 50 -2.59 -5.06 -6.69
N GLU A 51 -3.51 -5.20 -7.65
CA GLU A 51 -4.84 -5.74 -7.39
C GLU A 51 -4.76 -7.16 -6.83
N ILE A 52 -3.89 -7.99 -7.40
CA ILE A 52 -3.80 -9.40 -7.02
C ILE A 52 -3.11 -9.49 -5.66
N SER A 53 -1.96 -8.83 -5.53
N SER A 53 -1.93 -8.87 -5.53
CA SER A 53 -1.13 -8.92 -4.34
CA SER A 53 -1.16 -8.97 -4.30
C SER A 53 -1.87 -8.40 -3.10
C SER A 53 -2.02 -8.50 -3.12
N LEU A 54 -2.64 -7.32 -3.25
CA LEU A 54 -3.41 -6.76 -2.13
C LEU A 54 -4.68 -7.56 -1.86
N LEU A 55 -5.39 -8.03 -2.90
CA LEU A 55 -6.58 -8.86 -2.70
C LEU A 55 -6.25 -10.22 -2.10
N LYS A 56 -5.13 -10.84 -2.46
CA LYS A 56 -4.73 -12.11 -1.88
C LYS A 56 -4.59 -11.99 -0.36
N GLU A 57 -4.31 -10.77 0.14
CA GLU A 57 -4.13 -10.51 1.56
C GLU A 57 -5.42 -10.11 2.28
N LEU A 58 -6.49 -9.75 1.54
CA LEU A 58 -7.70 -9.18 2.12
C LEU A 58 -8.86 -10.19 2.08
N ASN A 59 -8.97 -11.00 3.14
CA ASN A 59 -10.04 -11.96 3.33
C ASN A 59 -11.02 -11.37 4.34
N HIS A 60 -12.16 -10.87 3.83
CA HIS A 60 -13.18 -10.18 4.62
C HIS A 60 -14.53 -10.37 3.93
N PRO A 61 -15.64 -10.52 4.71
CA PRO A 61 -16.99 -10.63 4.13
C PRO A 61 -17.43 -9.48 3.23
N ASN A 62 -16.86 -8.29 3.45
CA ASN A 62 -17.26 -7.08 2.75
C ASN A 62 -16.19 -6.66 1.75
N ILE A 63 -15.29 -7.60 1.39
CA ILE A 63 -14.37 -7.41 0.28
C ILE A 63 -14.52 -8.55 -0.73
N ILE A 64 -14.63 -8.21 -2.02
CA ILE A 64 -14.75 -9.16 -3.13
C ILE A 64 -13.72 -10.29 -2.94
N LYS A 65 -14.16 -11.54 -3.16
CA LYS A 65 -13.30 -12.73 -3.16
C LYS A 65 -12.65 -12.93 -4.53
N LEU A 66 -11.30 -12.88 -4.56
CA LEU A 66 -10.50 -13.35 -5.70
C LEU A 66 -10.41 -14.87 -5.57
N LEU A 67 -10.91 -15.60 -6.59
CA LEU A 67 -10.98 -17.05 -6.51
C LEU A 67 -9.71 -17.66 -7.07
N ASP A 68 -9.25 -17.14 -8.21
CA ASP A 68 -8.12 -17.71 -8.95
C ASP A 68 -7.52 -16.68 -9.88
N VAL A 69 -6.24 -16.90 -10.24
CA VAL A 69 -5.51 -16.15 -11.25
C VAL A 69 -5.04 -17.13 -12.32
N ILE A 70 -5.43 -16.97 -13.59
CA ILE A 70 -4.90 -17.78 -14.69
C ILE A 70 -3.94 -16.91 -15.52
N HIS A 71 -2.65 -17.25 -15.49
N HIS A 71 -2.66 -17.31 -15.56
CA HIS A 71 -1.57 -16.47 -16.10
CA HIS A 71 -1.56 -16.51 -16.08
C HIS A 71 -0.74 -17.34 -17.05
C HIS A 71 -0.71 -17.32 -17.04
N THR A 72 -0.75 -16.96 -18.34
CA THR A 72 0.10 -17.52 -19.39
C THR A 72 0.98 -16.38 -19.89
N GLU A 73 1.66 -16.53 -21.05
CA GLU A 73 2.18 -15.39 -21.79
C GLU A 73 1.06 -14.85 -22.68
N ASN A 74 1.01 -13.52 -22.87
CA ASN A 74 -0.07 -12.76 -23.52
C ASN A 74 -1.47 -13.25 -23.16
N LYS A 75 -1.73 -13.45 -21.86
CA LYS A 75 -3.08 -13.73 -21.33
C LYS A 75 -3.05 -13.75 -19.80
N LEU A 76 -3.85 -12.89 -19.15
CA LEU A 76 -4.00 -12.88 -17.69
C LEU A 76 -5.48 -12.72 -17.31
N TYR A 77 -6.07 -13.72 -16.64
CA TYR A 77 -7.47 -13.68 -16.22
C TYR A 77 -7.53 -13.65 -14.69
N LEU A 78 -8.40 -12.81 -14.13
CA LEU A 78 -8.75 -12.85 -12.72
C LEU A 78 -10.16 -13.42 -12.58
N VAL A 79 -10.33 -14.36 -11.63
CA VAL A 79 -11.62 -15.01 -11.42
C VAL A 79 -12.15 -14.59 -10.07
N PHE A 80 -13.26 -13.86 -10.07
CA PHE A 80 -13.85 -13.31 -8.86
C PHE A 80 -15.18 -13.99 -8.62
N GLU A 81 -15.68 -13.94 -7.38
CA GLU A 81 -17.07 -14.29 -7.15
C GLU A 81 -17.97 -13.34 -7.94
N PHE A 82 -19.03 -13.86 -8.58
CA PHE A 82 -20.00 -13.06 -9.31
C PHE A 82 -21.02 -12.43 -8.34
N MET A 83 -21.26 -11.12 -8.48
N MET A 83 -21.26 -11.13 -8.51
CA MET A 83 -22.20 -10.40 -7.65
CA MET A 83 -22.19 -10.37 -7.68
C MET A 83 -23.39 -9.97 -8.50
C MET A 83 -23.39 -9.97 -8.52
N GLU A 84 -24.60 -10.22 -7.98
CA GLU A 84 -25.86 -10.05 -8.70
C GLU A 84 -26.11 -8.60 -9.10
N THR A 85 -25.86 -7.67 -8.18
CA THR A 85 -26.17 -6.25 -8.42
C THR A 85 -25.03 -5.34 -7.91
N ASP A 86 -25.20 -4.02 -8.05
CA ASP A 86 -24.24 -3.04 -7.53
C ASP A 86 -25.02 -1.85 -6.98
N LEU A 87 -24.32 -0.92 -6.31
CA LEU A 87 -25.01 0.15 -5.61
C LEU A 87 -25.59 1.13 -6.62
N GLU A 88 -24.84 1.42 -7.70
CA GLU A 88 -25.32 2.30 -8.76
C GLU A 88 -26.68 1.82 -9.30
N VAL A 89 -26.83 0.50 -9.49
CA VAL A 89 -28.00 -0.09 -10.14
C VAL A 89 -29.18 -0.12 -9.16
N PHE A 90 -28.90 -0.50 -7.90
CA PHE A 90 -29.90 -0.55 -6.83
C PHE A 90 -30.48 0.82 -6.53
N MET A 91 -29.67 1.88 -6.63
CA MET A 91 -30.11 3.24 -6.38
C MET A 91 -31.09 3.67 -7.48
N ASP A 92 -30.79 3.31 -8.74
CA ASP A 92 -31.62 3.66 -9.88
C ASP A 92 -33.00 3.00 -9.78
N ALA A 93 -33.01 1.72 -9.37
CA ALA A 93 -34.25 0.94 -9.18
C ALA A 93 -34.94 1.34 -7.88
N SER A 94 -34.43 2.38 -7.22
CA SER A 94 -34.98 2.93 -5.99
C SER A 94 -35.18 4.44 -6.11
N ALA A 95 -34.97 4.98 -7.31
CA ALA A 95 -34.93 6.41 -7.59
C ALA A 95 -36.20 7.14 -7.09
N LEU A 96 -37.34 6.43 -7.05
CA LEU A 96 -38.64 7.00 -6.67
C LEU A 96 -39.05 6.52 -5.28
N THR A 97 -39.19 5.20 -5.10
CA THR A 97 -39.51 4.58 -3.82
C THR A 97 -38.62 5.14 -2.69
N GLY A 98 -37.30 5.13 -2.92
CA GLY A 98 -36.30 5.34 -1.88
C GLY A 98 -35.66 4.03 -1.43
N ILE A 99 -34.46 4.11 -0.83
CA ILE A 99 -33.87 2.98 -0.11
C ILE A 99 -34.24 3.16 1.36
N PRO A 100 -34.88 2.17 2.02
CA PRO A 100 -35.19 2.33 3.44
C PRO A 100 -33.94 2.64 4.27
N LEU A 101 -34.06 3.56 5.22
CA LEU A 101 -32.97 4.04 6.07
C LEU A 101 -32.22 2.87 6.74
N PRO A 102 -32.89 1.85 7.31
CA PRO A 102 -32.18 0.77 7.99
C PRO A 102 -31.28 -0.06 7.06
N LEU A 103 -31.65 -0.15 5.79
CA LEU A 103 -30.82 -0.82 4.80
C LEU A 103 -29.64 0.08 4.44
N ILE A 104 -29.90 1.36 4.15
CA ILE A 104 -28.83 2.34 4.00
C ILE A 104 -27.81 2.16 5.12
N LYS A 105 -28.30 2.13 6.37
CA LYS A 105 -27.45 2.10 7.55
C LYS A 105 -26.62 0.83 7.55
N SER A 106 -27.28 -0.29 7.29
CA SER A 106 -26.63 -1.60 7.17
C SER A 106 -25.52 -1.61 6.10
N TYR A 107 -25.80 -1.03 4.93
CA TYR A 107 -24.87 -0.97 3.80
C TYR A 107 -23.66 -0.10 4.17
N LEU A 108 -23.92 1.07 4.75
CA LEU A 108 -22.86 1.93 5.21
C LEU A 108 -22.03 1.24 6.31
N PHE A 109 -22.66 0.50 7.23
CA PHE A 109 -21.96 -0.20 8.30
C PHE A 109 -20.98 -1.21 7.71
N GLN A 110 -21.50 -2.07 6.83
CA GLN A 110 -20.73 -3.06 6.11
C GLN A 110 -19.53 -2.44 5.39
N LEU A 111 -19.81 -1.41 4.58
CA LEU A 111 -18.79 -0.70 3.82
C LEU A 111 -17.70 -0.17 4.72
N LEU A 112 -18.07 0.39 5.88
CA LEU A 112 -17.08 0.89 6.82
C LEU A 112 -16.28 -0.27 7.40
N GLN A 113 -16.93 -1.42 7.59
CA GLN A 113 -16.26 -2.61 8.12
C GLN A 113 -15.18 -3.09 7.14
N GLY A 114 -15.50 -3.13 5.85
CA GLY A 114 -14.54 -3.45 4.80
C GLY A 114 -13.39 -2.44 4.73
N LEU A 115 -13.70 -1.15 4.80
CA LEU A 115 -12.70 -0.10 4.70
C LEU A 115 -11.78 -0.14 5.92
N ALA A 116 -12.36 -0.29 7.13
CA ALA A 116 -11.54 -0.35 8.32
C ALA A 116 -10.53 -1.50 8.20
N PHE A 117 -10.96 -2.60 7.56
CA PHE A 117 -10.15 -3.79 7.45
C PHE A 117 -9.01 -3.49 6.48
N CYS A 118 -9.33 -2.87 5.34
CA CYS A 118 -8.32 -2.43 4.38
C CYS A 118 -7.29 -1.56 5.07
N HIS A 119 -7.77 -0.48 5.70
CA HIS A 119 -6.89 0.53 6.26
C HIS A 119 -5.98 -0.07 7.33
N SER A 120 -6.54 -0.98 8.16
CA SER A 120 -5.81 -1.64 9.23
C SER A 120 -4.82 -2.68 8.67
N HIS A 121 -4.98 -3.01 7.38
CA HIS A 121 -4.03 -3.85 6.64
C HIS A 121 -3.27 -3.01 5.60
N ARG A 122 -3.06 -1.72 5.94
CA ARG A 122 -2.29 -0.72 5.21
C ARG A 122 -2.58 -0.68 3.71
N VAL A 123 -3.88 -0.77 3.34
CA VAL A 123 -4.31 -0.62 1.94
C VAL A 123 -5.25 0.59 1.82
N LEU A 124 -4.94 1.50 0.89
CA LEU A 124 -5.83 2.56 0.41
C LEU A 124 -6.56 2.06 -0.82
N HIS A 125 -7.90 2.25 -0.90
CA HIS A 125 -8.66 1.80 -2.05
C HIS A 125 -8.51 2.77 -3.23
N ARG A 126 -8.88 4.04 -3.01
CA ARG A 126 -8.61 5.18 -3.90
C ARG A 126 -9.50 5.18 -5.14
N ASP A 127 -10.52 4.32 -5.19
CA ASP A 127 -11.49 4.43 -6.28
C ASP A 127 -12.89 4.04 -5.79
N LEU A 128 -13.26 4.39 -4.56
CA LEU A 128 -14.61 4.08 -4.09
C LEU A 128 -15.61 4.87 -4.93
N LYS A 129 -16.67 4.17 -5.37
CA LYS A 129 -17.82 4.75 -6.05
C LYS A 129 -18.93 3.71 -6.17
N PRO A 130 -20.20 4.11 -6.43
CA PRO A 130 -21.32 3.15 -6.43
C PRO A 130 -21.16 1.90 -7.30
N ASN A 131 -20.62 2.02 -8.51
CA ASN A 131 -20.45 0.86 -9.38
C ASN A 131 -19.30 -0.07 -8.95
N ASN A 132 -18.46 0.32 -7.98
CA ASN A 132 -17.43 -0.57 -7.40
C ASN A 132 -17.93 -1.23 -6.12
N LEU A 133 -19.17 -0.94 -5.72
CA LEU A 133 -19.72 -1.50 -4.51
C LEU A 133 -20.82 -2.49 -4.91
N LEU A 134 -20.47 -3.80 -4.82
CA LEU A 134 -21.27 -4.87 -5.38
C LEU A 134 -22.12 -5.50 -4.28
N ILE A 135 -23.34 -5.94 -4.66
CA ILE A 135 -24.33 -6.52 -3.75
C ILE A 135 -24.69 -7.94 -4.21
N ASN A 136 -24.69 -8.90 -3.27
CA ASN A 136 -25.07 -10.28 -3.55
C ASN A 136 -26.47 -10.53 -2.96
N THR A 137 -27.05 -11.70 -3.30
CA THR A 137 -28.44 -12.02 -2.99
C THR A 137 -28.67 -12.13 -1.49
N GLU A 138 -27.60 -12.36 -0.71
CA GLU A 138 -27.68 -12.58 0.74
C GLU A 138 -27.61 -11.27 1.50
N GLY A 139 -27.60 -10.13 0.78
CA GLY A 139 -27.65 -8.79 1.35
C GLY A 139 -26.29 -8.22 1.77
N ALA A 140 -25.19 -8.88 1.34
CA ALA A 140 -23.84 -8.38 1.56
C ALA A 140 -23.50 -7.33 0.48
N ILE A 141 -22.82 -6.25 0.88
CA ILE A 141 -22.21 -5.33 -0.07
C ILE A 141 -20.70 -5.35 0.16
N LYS A 142 -19.92 -5.40 -0.93
CA LYS A 142 -18.48 -5.61 -0.85
C LYS A 142 -17.72 -4.59 -1.71
N LEU A 143 -16.61 -4.03 -1.19
CA LEU A 143 -15.66 -3.26 -1.98
C LEU A 143 -15.03 -4.18 -3.04
N ALA A 144 -14.97 -3.72 -4.31
CA ALA A 144 -14.36 -4.41 -5.43
C ALA A 144 -13.38 -3.48 -6.14
N ASP A 145 -12.69 -3.96 -7.18
CA ASP A 145 -11.88 -3.12 -8.07
C ASP A 145 -10.78 -2.40 -7.28
N PHE A 146 -9.73 -3.17 -6.92
CA PHE A 146 -8.57 -2.75 -6.16
C PHE A 146 -7.37 -2.44 -7.07
N GLY A 147 -7.62 -2.26 -8.38
CA GLY A 147 -6.58 -1.95 -9.36
C GLY A 147 -5.90 -0.61 -9.13
N LEU A 148 -6.63 0.34 -8.52
CA LEU A 148 -6.08 1.66 -8.22
C LEU A 148 -5.67 1.77 -6.74
N ALA A 149 -5.70 0.66 -6.00
CA ALA A 149 -5.28 0.62 -4.60
C ALA A 149 -3.77 0.65 -4.47
N ARG A 150 -3.28 0.77 -3.22
CA ARG A 150 -1.86 0.84 -2.92
C ARG A 150 -1.63 0.53 -1.43
N ALA A 151 -0.58 -0.26 -1.16
CA ALA A 151 -0.02 -0.41 0.19
C ALA A 151 0.61 0.91 0.62
N PHE A 152 0.42 1.30 1.88
CA PHE A 152 0.81 2.64 2.30
C PHE A 152 1.63 2.49 3.57
N GLY A 153 2.46 3.50 3.85
CA GLY A 153 3.47 3.45 4.89
C GLY A 153 3.03 4.19 6.14
N VAL A 154 3.67 3.88 7.26
CA VAL A 154 3.51 4.56 8.53
C VAL A 154 4.84 5.25 8.85
N PRO A 155 4.99 6.58 8.65
CA PRO A 155 3.94 7.43 8.07
C PRO A 155 3.98 7.40 6.54
N VAL A 156 3.06 8.13 5.91
CA VAL A 156 2.90 8.14 4.46
C VAL A 156 4.01 8.97 3.83
N ARG A 157 4.23 8.75 2.52
CA ARG A 157 4.98 9.64 1.63
C ARG A 157 4.08 10.00 0.44
N THR A 158 4.60 10.78 -0.53
CA THR A 158 3.86 11.18 -1.72
C THR A 158 3.51 9.94 -2.56
N TYR A 159 2.22 9.83 -2.94
CA TYR A 159 1.70 8.78 -3.83
C TYR A 159 1.13 9.44 -5.09
N HIS A 161 -0.99 11.29 -7.88
CA HIS A 161 -1.89 12.43 -7.77
C HIS A 161 -3.22 12.20 -8.50
N GLU A 162 -3.18 11.68 -9.74
CA GLU A 162 -4.38 11.39 -10.51
C GLU A 162 -5.12 10.21 -9.86
N VAL A 163 -5.85 10.43 -8.75
CA VAL A 163 -6.57 9.34 -8.09
C VAL A 163 -7.98 9.79 -7.68
N VAL A 164 -8.91 8.82 -7.63
CA VAL A 164 -10.33 8.97 -7.30
C VAL A 164 -11.07 9.65 -8.45
N THR A 165 -12.23 9.09 -8.82
CA THR A 165 -13.15 9.67 -9.78
C THR A 165 -13.59 11.02 -9.24
N LEU A 166 -13.83 11.97 -10.14
CA LEU A 166 -14.00 13.37 -9.81
C LEU A 166 -15.04 13.59 -8.71
N TRP A 167 -16.22 12.98 -8.88
CA TRP A 167 -17.38 13.24 -8.03
C TRP A 167 -17.12 12.80 -6.59
N TYR A 168 -16.16 11.88 -6.41
CA TYR A 168 -15.88 11.29 -5.11
C TYR A 168 -14.51 11.70 -4.60
N ARG A 169 -13.85 12.67 -5.25
CA ARG A 169 -12.46 13.06 -4.92
C ARG A 169 -12.40 14.07 -3.77
N ALA A 170 -11.63 13.72 -2.74
CA ALA A 170 -11.44 14.56 -1.56
C ALA A 170 -10.75 15.87 -1.93
N PRO A 171 -11.08 16.97 -1.21
CA PRO A 171 -10.56 18.29 -1.53
C PRO A 171 -9.04 18.41 -1.45
N GLU A 172 -8.40 17.72 -0.49
CA GLU A 172 -6.94 17.76 -0.34
C GLU A 172 -6.26 17.27 -1.63
N ILE A 173 -6.93 16.40 -2.41
CA ILE A 173 -6.37 15.93 -3.67
C ILE A 173 -6.63 16.97 -4.77
N LEU A 174 -7.84 17.55 -4.80
CA LEU A 174 -8.19 18.63 -5.73
C LEU A 174 -7.27 19.86 -5.55
N LEU A 175 -6.85 20.17 -4.32
CA LEU A 175 -6.01 21.31 -3.98
C LEU A 175 -4.52 20.94 -3.93
N GLY A 176 -4.18 19.71 -4.36
CA GLY A 176 -2.83 19.24 -4.61
C GLY A 176 -1.89 19.22 -3.39
N CYS A 177 -2.37 18.68 -2.26
N CYS A 177 -2.37 18.66 -2.28
CA CYS A 177 -1.51 18.42 -1.10
CA CYS A 177 -1.53 18.39 -1.12
C CYS A 177 -0.46 17.38 -1.47
C CYS A 177 -0.45 17.36 -1.48
N LYS A 178 0.74 17.50 -0.88
CA LYS A 178 1.82 16.55 -1.07
C LYS A 178 1.35 15.16 -0.60
N TYR A 179 0.99 15.09 0.69
CA TYR A 179 0.59 13.85 1.36
C TYR A 179 -0.94 13.73 1.41
N TYR A 180 -1.44 12.52 1.07
CA TYR A 180 -2.79 12.07 1.42
C TYR A 180 -2.72 10.62 1.91
N SER A 181 -3.73 10.20 2.68
CA SER A 181 -3.81 8.91 3.36
C SER A 181 -5.27 8.40 3.41
N THR A 182 -5.62 7.68 4.49
CA THR A 182 -6.88 6.94 4.63
C THR A 182 -8.10 7.86 4.53
N ALA A 183 -7.91 9.15 4.81
CA ALA A 183 -8.99 10.12 4.85
C ALA A 183 -9.67 10.27 3.49
N VAL A 184 -8.98 10.01 2.36
CA VAL A 184 -9.56 10.22 1.04
C VAL A 184 -10.64 9.18 0.73
N ASP A 185 -10.54 8.00 1.36
CA ASP A 185 -11.50 6.91 1.22
C ASP A 185 -12.76 7.27 2.02
N ILE A 186 -12.57 7.88 3.19
CA ILE A 186 -13.69 8.34 4.01
C ILE A 186 -14.46 9.45 3.29
N TRP A 187 -13.80 10.47 2.73
CA TRP A 187 -14.53 11.41 1.90
C TRP A 187 -15.42 10.67 0.90
N SER A 188 -14.83 9.69 0.19
CA SER A 188 -15.53 9.00 -0.88
C SER A 188 -16.82 8.38 -0.35
N LEU A 189 -16.73 7.77 0.84
CA LEU A 189 -17.87 7.10 1.48
C LEU A 189 -18.91 8.11 1.97
N GLY A 190 -18.48 9.30 2.43
CA GLY A 190 -19.39 10.36 2.83
C GLY A 190 -20.30 10.77 1.68
N CYS A 191 -19.69 10.94 0.50
CA CYS A 191 -20.40 11.32 -0.71
C CYS A 191 -21.44 10.27 -1.09
N ILE A 192 -21.11 9.00 -0.83
CA ILE A 192 -21.90 7.85 -1.25
C ILE A 192 -23.07 7.69 -0.26
N PHE A 193 -22.78 7.73 1.05
CA PHE A 193 -23.78 7.84 2.09
C PHE A 193 -24.84 8.88 1.73
N ALA A 194 -24.41 10.09 1.35
CA ALA A 194 -25.31 11.18 1.00
C ALA A 194 -26.11 10.85 -0.27
N GLU A 195 -25.48 10.11 -1.21
CA GLU A 195 -26.08 9.69 -2.46
C GLU A 195 -27.16 8.62 -2.27
N MET A 196 -27.01 7.76 -1.25
CA MET A 196 -27.99 6.73 -0.95
C MET A 196 -29.25 7.40 -0.41
N VAL A 197 -29.06 8.40 0.46
CA VAL A 197 -30.15 9.14 1.08
C VAL A 197 -31.00 9.93 0.06
N THR A 198 -30.36 10.73 -0.80
CA THR A 198 -31.01 11.66 -1.73
C THR A 198 -31.24 11.06 -3.12
N ARG A 199 -30.52 9.98 -3.48
CA ARG A 199 -30.58 9.30 -4.78
C ARG A 199 -30.02 10.18 -5.90
N ARG A 200 -29.25 11.21 -5.53
CA ARG A 200 -28.51 12.06 -6.45
C ARG A 200 -27.08 12.24 -5.96
N ALA A 201 -26.14 12.33 -6.90
CA ALA A 201 -24.74 12.59 -6.60
C ALA A 201 -24.64 13.86 -5.76
N LEU A 202 -23.91 13.80 -4.64
CA LEU A 202 -23.76 14.96 -3.77
C LEU A 202 -23.05 16.12 -4.48
N PHE A 203 -21.93 15.85 -5.17
CA PHE A 203 -21.07 16.86 -5.78
C PHE A 203 -20.70 16.50 -7.22
N PRO A 204 -21.62 16.57 -8.21
CA PRO A 204 -21.28 16.18 -9.58
C PRO A 204 -20.59 17.25 -10.41
N GLY A 205 -19.30 17.52 -10.13
CA GLY A 205 -18.51 18.44 -10.95
C GLY A 205 -18.32 17.91 -12.37
N ASP A 206 -17.97 18.78 -13.33
CA ASP A 206 -17.58 18.37 -14.68
C ASP A 206 -16.12 18.78 -14.97
N SER A 207 -15.44 19.33 -13.96
CA SER A 207 -14.03 19.74 -14.00
C SER A 207 -13.52 19.88 -12.57
N GLU A 208 -12.21 20.01 -12.39
CA GLU A 208 -11.60 20.11 -11.06
C GLU A 208 -12.12 21.34 -10.32
N ILE A 209 -12.12 22.51 -10.99
CA ILE A 209 -12.55 23.75 -10.37
C ILE A 209 -14.05 23.66 -10.07
N ASP A 210 -14.84 23.18 -11.03
CA ASP A 210 -16.26 23.07 -10.84
C ASP A 210 -16.57 22.16 -9.65
N GLN A 211 -15.73 21.12 -9.45
CA GLN A 211 -15.89 20.17 -8.35
C GLN A 211 -15.66 20.88 -7.01
N LEU A 212 -14.55 21.63 -6.88
CA LEU A 212 -14.28 22.41 -5.68
C LEU A 212 -15.48 23.28 -5.33
N PHE A 213 -16.00 23.97 -6.35
CA PHE A 213 -17.08 24.93 -6.18
C PHE A 213 -18.34 24.22 -5.72
N ARG A 214 -18.65 23.05 -6.29
CA ARG A 214 -19.81 22.30 -5.81
C ARG A 214 -19.64 22.00 -4.33
N ILE A 215 -18.43 21.58 -3.92
CA ILE A 215 -18.16 21.29 -2.52
C ILE A 215 -18.34 22.56 -1.68
N PHE A 216 -17.73 23.67 -2.11
CA PHE A 216 -17.72 24.92 -1.33
C PHE A 216 -19.14 25.45 -1.15
N ARG A 217 -19.96 25.40 -2.22
CA ARG A 217 -21.35 25.85 -2.18
C ARG A 217 -22.08 25.16 -1.03
N THR A 218 -21.71 23.92 -0.73
CA THR A 218 -22.45 23.07 0.20
C THR A 218 -21.82 23.11 1.59
N LEU A 219 -20.49 23.02 1.68
CA LEU A 219 -19.82 22.82 2.96
C LEU A 219 -19.23 24.12 3.48
N GLY A 220 -19.32 25.18 2.64
CA GLY A 220 -18.69 26.45 2.91
C GLY A 220 -17.29 26.47 2.33
N THR A 221 -16.82 27.65 1.89
CA THR A 221 -15.47 27.80 1.40
C THR A 221 -14.51 27.72 2.58
N PRO A 222 -13.51 26.81 2.55
CA PRO A 222 -12.59 26.66 3.66
C PRO A 222 -11.52 27.77 3.69
N ASP A 223 -11.18 28.19 4.91
CA ASP A 223 -10.19 29.21 5.23
C ASP A 223 -9.29 28.65 6.34
N GLU A 224 -8.30 29.45 6.77
CA GLU A 224 -7.40 29.11 7.86
C GLU A 224 -8.15 28.68 9.13
N VAL A 225 -9.40 29.10 9.32
CA VAL A 225 -10.15 28.82 10.54
C VAL A 225 -10.48 27.32 10.68
N VAL A 226 -11.07 26.72 9.63
CA VAL A 226 -11.55 25.34 9.64
C VAL A 226 -10.51 24.40 9.01
N TRP A 227 -9.48 24.93 8.34
CA TRP A 227 -8.45 24.10 7.71
C TRP A 227 -7.09 24.82 7.68
N PRO A 228 -6.31 24.79 8.79
CA PRO A 228 -5.06 25.54 8.85
C PRO A 228 -4.15 25.03 7.74
N GLY A 229 -3.38 25.92 7.13
CA GLY A 229 -2.49 25.57 6.04
C GLY A 229 -3.14 25.64 4.67
N VAL A 230 -4.49 25.77 4.61
CA VAL A 230 -5.22 25.61 3.35
C VAL A 230 -4.89 26.75 2.38
N THR A 231 -4.68 27.97 2.90
CA THR A 231 -4.47 29.14 2.05
C THR A 231 -3.06 29.15 1.47
N SER A 232 -2.15 28.37 2.08
CA SER A 232 -0.77 28.17 1.64
C SER A 232 -0.65 27.15 0.49
N MET A 233 -1.75 26.45 0.14
CA MET A 233 -1.66 25.25 -0.69
C MET A 233 -1.37 25.59 -2.15
N PRO A 234 -0.86 24.61 -2.95
CA PRO A 234 -0.57 24.86 -4.36
C PRO A 234 -1.69 25.57 -5.11
N ASP A 235 -2.87 24.92 -5.16
CA ASP A 235 -3.95 25.25 -6.08
C ASP A 235 -5.08 26.06 -5.42
N TYR A 236 -4.89 26.51 -4.16
CA TYR A 236 -5.78 27.47 -3.50
C TYR A 236 -5.58 28.86 -4.11
N LYS A 237 -6.70 29.57 -4.35
CA LYS A 237 -6.71 30.94 -4.87
C LYS A 237 -7.49 31.84 -3.92
N PRO A 238 -6.90 32.98 -3.50
CA PRO A 238 -7.60 33.95 -2.65
C PRO A 238 -8.92 34.47 -3.22
N SER A 239 -9.08 34.42 -4.55
CA SER A 239 -10.27 34.91 -5.25
C SER A 239 -11.46 33.94 -5.16
N PHE A 240 -11.28 32.78 -4.53
CA PHE A 240 -12.36 31.81 -4.41
C PHE A 240 -13.57 32.49 -3.79
N PRO A 241 -14.79 32.34 -4.35
CA PRO A 241 -16.02 32.86 -3.73
C PRO A 241 -16.18 32.35 -2.32
N LYS A 242 -16.64 33.21 -1.38
CA LYS A 242 -16.73 32.85 0.02
C LYS A 242 -18.20 32.54 0.33
N TRP A 243 -18.57 31.28 0.09
CA TRP A 243 -19.89 30.73 0.38
C TRP A 243 -19.95 30.26 1.83
N ALA A 244 -21.18 30.22 2.38
CA ALA A 244 -21.46 29.77 3.73
C ALA A 244 -21.84 28.29 3.71
N ARG A 245 -21.42 27.56 4.75
N ARG A 245 -21.42 27.56 4.75
CA ARG A 245 -21.88 26.20 5.01
CA ARG A 245 -21.87 26.20 5.02
C ARG A 245 -23.41 26.18 5.05
C ARG A 245 -23.41 26.18 5.06
N GLN A 246 -24.03 25.30 4.24
CA GLN A 246 -25.47 25.08 4.26
C GLN A 246 -25.85 24.26 5.50
N ASP A 247 -27.13 24.31 5.91
CA ASP A 247 -27.64 23.48 7.01
C ASP A 247 -27.81 22.05 6.49
N PHE A 248 -27.32 21.07 7.25
CA PHE A 248 -27.36 19.67 6.83
C PHE A 248 -28.79 19.13 6.78
N SER A 249 -29.69 19.72 7.58
N SER A 249 -29.69 19.72 7.58
CA SER A 249 -31.11 19.39 7.55
CA SER A 249 -31.12 19.39 7.55
C SER A 249 -31.71 19.65 6.16
C SER A 249 -31.70 19.66 6.17
N LYS A 250 -31.05 20.52 5.37
CA LYS A 250 -31.51 20.86 4.03
C LYS A 250 -30.79 20.02 2.96
N VAL A 251 -29.51 19.70 3.19
CA VAL A 251 -28.67 18.96 2.25
C VAL A 251 -29.08 17.49 2.15
N VAL A 252 -29.44 16.90 3.30
CA VAL A 252 -29.86 15.51 3.42
C VAL A 252 -31.07 15.44 4.35
N PRO A 253 -32.27 15.87 3.88
CA PRO A 253 -33.48 15.90 4.70
C PRO A 253 -33.80 14.61 5.49
N PRO A 254 -33.81 13.40 4.87
CA PRO A 254 -34.28 12.21 5.61
C PRO A 254 -33.53 11.82 6.89
N LEU A 255 -32.37 12.45 7.16
CA LEU A 255 -31.42 11.97 8.16
C LEU A 255 -31.72 12.53 9.56
N ASP A 256 -31.61 11.68 10.59
CA ASP A 256 -31.78 12.10 11.98
C ASP A 256 -30.51 12.81 12.47
N GLU A 257 -30.57 13.37 13.69
CA GLU A 257 -29.45 14.02 14.33
C GLU A 257 -28.17 13.19 14.21
N ASP A 258 -28.26 11.89 14.53
CA ASP A 258 -27.10 11.00 14.55
C ASP A 258 -26.48 10.91 13.16
N GLY A 259 -27.31 10.82 12.11
CA GLY A 259 -26.84 10.65 10.75
C GLY A 259 -26.07 11.87 10.26
N ARG A 260 -26.66 13.05 10.45
CA ARG A 260 -26.05 14.33 10.10
C ARG A 260 -24.67 14.46 10.74
N SER A 261 -24.60 14.18 12.05
CA SER A 261 -23.36 14.28 12.83
C SER A 261 -22.27 13.41 12.20
N LEU A 262 -22.61 12.15 11.92
CA LEU A 262 -21.69 11.26 11.23
C LEU A 262 -21.34 11.82 9.86
N LEU A 263 -22.36 12.21 9.07
CA LEU A 263 -22.05 12.59 7.71
C LEU A 263 -21.09 13.79 7.70
N SER A 264 -21.27 14.76 8.62
CA SER A 264 -20.44 15.96 8.66
C SER A 264 -19.01 15.63 9.08
N GLN A 265 -18.85 14.61 9.93
CA GLN A 265 -17.56 14.08 10.35
C GLN A 265 -16.82 13.38 9.20
N MET A 266 -17.56 12.79 8.24
CA MET A 266 -16.93 12.12 7.13
C MET A 266 -16.52 13.17 6.08
N LEU A 267 -17.11 14.37 6.16
CA LEU A 267 -16.90 15.40 5.16
C LEU A 267 -16.14 16.63 5.71
N HIS A 268 -15.49 16.53 6.88
CA HIS A 268 -14.54 17.55 7.33
C HIS A 268 -13.52 17.86 6.22
N TYR A 269 -13.19 19.14 6.05
CA TYR A 269 -12.20 19.58 5.09
C TYR A 269 -10.79 19.12 5.49
N ASP A 270 -10.43 19.37 6.75
CA ASP A 270 -9.10 19.07 7.26
C ASP A 270 -9.01 17.55 7.41
N PRO A 271 -8.15 16.83 6.65
CA PRO A 271 -8.05 15.38 6.78
C PRO A 271 -7.76 14.85 8.17
N ASN A 272 -7.12 15.67 9.04
CA ASN A 272 -6.85 15.29 10.42
C ASN A 272 -8.11 15.24 11.29
N LYS A 273 -9.13 16.05 10.98
CA LYS A 273 -10.34 16.08 11.79
C LYS A 273 -11.31 14.99 11.32
N ARG A 274 -11.11 14.52 10.08
CA ARG A 274 -12.08 13.67 9.37
C ARG A 274 -12.07 12.30 10.03
N ILE A 275 -13.25 11.69 10.22
CA ILE A 275 -13.40 10.48 11.04
C ILE A 275 -12.76 9.29 10.33
N SER A 276 -12.19 8.36 11.11
CA SER A 276 -11.66 7.10 10.61
C SER A 276 -12.81 6.10 10.42
N ALA A 277 -12.62 5.11 9.56
CA ALA A 277 -13.58 4.02 9.37
C ALA A 277 -13.87 3.33 10.70
N LYS A 278 -12.83 3.08 11.50
CA LYS A 278 -12.95 2.39 12.78
C LYS A 278 -13.74 3.23 13.80
N ALA A 279 -13.48 4.54 13.90
CA ALA A 279 -14.17 5.43 14.84
C ALA A 279 -15.64 5.59 14.46
N ALA A 280 -15.90 5.50 13.15
CA ALA A 280 -17.22 5.69 12.57
C ALA A 280 -18.13 4.53 12.93
N LEU A 281 -17.57 3.31 13.00
CA LEU A 281 -18.28 2.11 13.39
C LEU A 281 -18.83 2.27 14.82
N ALA A 282 -18.09 2.94 15.70
CA ALA A 282 -18.54 3.19 17.07
C ALA A 282 -19.48 4.40 17.21
N HIS A 283 -19.93 5.00 16.10
CA HIS A 283 -20.77 6.20 16.15
C HIS A 283 -22.20 5.83 16.54
N PRO A 284 -22.88 6.62 17.40
CA PRO A 284 -24.26 6.33 17.82
C PRO A 284 -25.29 6.01 16.73
N PHE A 285 -25.11 6.60 15.54
CA PHE A 285 -25.89 6.27 14.35
C PHE A 285 -26.10 4.77 14.11
N PHE A 286 -25.18 3.91 14.59
CA PHE A 286 -25.20 2.48 14.35
C PHE A 286 -25.55 1.67 15.62
N GLN A 287 -26.08 2.32 16.67
CA GLN A 287 -26.43 1.59 17.91
C GLN A 287 -27.53 0.56 17.63
N ASP A 288 -28.35 0.76 16.58
CA ASP A 288 -29.46 -0.12 16.25
C ASP A 288 -29.33 -0.71 14.85
N VAL A 289 -28.11 -0.92 14.35
CA VAL A 289 -27.90 -1.44 13.00
C VAL A 289 -28.25 -2.92 12.99
N THR A 290 -28.75 -3.45 11.85
CA THR A 290 -29.13 -4.84 11.70
C THR A 290 -28.19 -5.59 10.74
N LYS A 291 -28.22 -6.93 10.79
CA LYS A 291 -27.32 -7.78 10.05
C LYS A 291 -27.67 -7.79 8.56
N PRO A 292 -26.74 -8.23 7.67
CA PRO A 292 -27.08 -8.52 6.27
C PRO A 292 -28.13 -9.64 6.17
N VAL A 293 -29.19 -9.43 5.37
CA VAL A 293 -30.31 -10.37 5.17
C VAL A 293 -30.75 -10.29 3.71
N PRO A 294 -31.08 -11.42 3.01
CA PRO A 294 -31.41 -11.38 1.58
C PRO A 294 -32.53 -10.45 1.09
N VAL B 1 1.43 10.50 15.30
CA VAL B 1 0.90 9.11 15.44
C VAL B 1 -0.36 8.97 14.59
N PRO B 2 -0.33 8.24 13.45
CA PRO B 2 -1.50 8.11 12.57
C PRO B 2 -2.50 7.05 13.04
N ASP B 3 -3.68 7.03 12.39
CA ASP B 3 -4.71 6.05 12.65
C ASP B 3 -4.24 4.66 12.21
N TYR B 4 -4.57 3.65 13.03
CA TYR B 4 -4.29 2.25 12.73
C TYR B 4 -2.80 1.90 12.91
N HIS B 5 -1.99 2.78 13.51
CA HIS B 5 -0.56 2.52 13.60
C HIS B 5 -0.29 1.21 14.34
N GLU B 6 -1.02 0.95 15.44
CA GLU B 6 -0.82 -0.26 16.23
C GLU B 6 -1.38 -1.48 15.50
N ASP B 7 -2.49 -1.33 14.78
CA ASP B 7 -3.05 -2.40 13.95
C ASP B 7 -2.11 -2.82 12.82
N ILE B 8 -1.57 -1.84 12.11
CA ILE B 8 -0.70 -2.11 10.97
C ILE B 8 0.53 -2.85 11.50
N HIS B 9 1.08 -2.41 12.64
CA HIS B 9 2.28 -3.00 13.23
C HIS B 9 2.03 -4.47 13.58
N THR B 10 0.85 -4.75 14.17
CA THR B 10 0.44 -6.11 14.48
C THR B 10 0.35 -6.93 13.20
N TYR B 11 -0.25 -6.37 12.14
CA TYR B 11 -0.38 -7.07 10.87
C TYR B 11 1.01 -7.36 10.32
N LEU B 12 1.89 -6.35 10.25
CA LEU B 12 3.25 -6.51 9.75
C LEU B 12 3.98 -7.64 10.52
N ARG B 13 3.74 -7.78 11.83
CA ARG B 13 4.42 -8.80 12.63
C ARG B 13 3.93 -10.21 12.26
N GLU B 14 2.66 -10.33 11.84
CA GLU B 14 2.13 -11.61 11.36
C GLU B 14 2.76 -11.93 10.00
N MET B 15 2.82 -10.93 9.11
CA MET B 15 3.15 -11.19 7.72
C MET B 15 4.65 -11.45 7.53
N GLU B 16 5.50 -11.05 8.50
CA GLU B 16 6.95 -11.14 8.32
C GLU B 16 7.40 -12.58 8.57
N VAL B 17 6.57 -13.36 9.28
CA VAL B 17 6.81 -14.78 9.56
C VAL B 17 6.49 -15.59 8.30
N LYS B 18 5.36 -15.26 7.66
CA LYS B 18 4.89 -15.93 6.46
C LYS B 18 5.71 -15.56 5.22
N CYS B 19 6.34 -14.37 5.22
CA CYS B 19 7.03 -13.84 4.04
C CYS B 19 8.54 -14.13 4.10
N LYS B 20 8.99 -14.83 5.16
CA LYS B 20 10.39 -15.15 5.41
C LYS B 20 10.91 -16.17 4.39
N PRO B 21 12.16 -16.04 3.86
CA PRO B 21 12.74 -17.09 3.02
C PRO B 21 13.31 -18.23 3.87
N LYS B 22 13.56 -19.39 3.24
CA LYS B 22 14.19 -20.53 3.91
C LYS B 22 15.60 -20.13 4.35
N VAL B 23 15.88 -20.21 5.66
CA VAL B 23 17.11 -19.71 6.27
C VAL B 23 18.36 -20.30 5.61
N GLY B 24 18.36 -21.58 5.24
CA GLY B 24 19.57 -22.26 4.82
C GLY B 24 19.67 -22.53 3.32
N TYR B 25 19.09 -21.65 2.50
CA TYR B 25 18.78 -21.97 1.11
C TYR B 25 20.05 -21.97 0.25
N MET B 26 21.02 -21.12 0.57
CA MET B 26 22.21 -20.96 -0.26
C MET B 26 23.05 -22.25 -0.26
N LYS B 27 23.01 -23.00 0.86
CA LYS B 27 23.66 -24.30 1.01
C LYS B 27 23.15 -25.26 -0.08
N LYS B 28 21.83 -25.25 -0.33
CA LYS B 28 21.18 -26.14 -1.28
C LYS B 28 21.24 -25.63 -2.73
N GLN B 29 21.94 -24.53 -2.99
CA GLN B 29 22.06 -23.96 -4.34
C GLN B 29 23.37 -24.45 -4.94
N PRO B 30 23.33 -25.24 -6.03
CA PRO B 30 24.55 -25.84 -6.57
C PRO B 30 25.59 -24.82 -7.07
N ASP B 31 25.12 -23.73 -7.70
CA ASP B 31 26.00 -22.87 -8.50
C ASP B 31 26.28 -21.49 -7.90
N ILE B 32 25.47 -21.00 -6.94
CA ILE B 32 25.61 -19.63 -6.44
C ILE B 32 25.90 -19.67 -4.94
N THR B 33 26.39 -18.52 -4.41
CA THR B 33 26.97 -18.39 -3.07
C THR B 33 26.57 -17.04 -2.44
N ASN B 34 26.69 -16.94 -1.10
CA ASN B 34 26.47 -15.70 -0.37
C ASN B 34 27.24 -14.55 -1.01
N SER B 35 28.45 -14.83 -1.49
CA SER B 35 29.31 -13.80 -2.05
CA SER B 35 29.33 -13.83 -2.07
C SER B 35 28.72 -13.29 -3.36
N MET B 36 28.13 -14.19 -4.18
CA MET B 36 27.51 -13.79 -5.43
C MET B 36 26.24 -12.99 -5.18
N ARG B 37 25.49 -13.35 -4.12
CA ARG B 37 24.30 -12.62 -3.72
C ARG B 37 24.70 -11.18 -3.34
N ALA B 38 25.75 -11.05 -2.52
CA ALA B 38 26.29 -9.74 -2.12
C ALA B 38 26.55 -8.85 -3.33
N ILE B 39 27.20 -9.39 -4.37
CA ILE B 39 27.51 -8.59 -5.55
C ILE B 39 26.20 -8.11 -6.18
N LEU B 40 25.22 -9.02 -6.32
CA LEU B 40 23.90 -8.69 -6.85
C LEU B 40 23.24 -7.53 -6.09
N VAL B 41 23.07 -7.66 -4.77
CA VAL B 41 22.34 -6.67 -3.98
C VAL B 41 23.02 -5.30 -4.07
N ASP B 42 24.32 -5.30 -3.81
CA ASP B 42 25.18 -4.16 -4.03
C ASP B 42 24.91 -3.54 -5.41
N TRP B 43 24.87 -4.35 -6.47
CA TRP B 43 24.56 -3.79 -7.79
C TRP B 43 23.16 -3.18 -7.78
N LEU B 44 22.19 -3.85 -7.14
CA LEU B 44 20.84 -3.32 -7.07
C LEU B 44 20.82 -1.97 -6.35
N VAL B 45 21.72 -1.74 -5.39
CA VAL B 45 21.78 -0.45 -4.73
C VAL B 45 22.14 0.64 -5.73
N GLU B 46 23.12 0.36 -6.60
CA GLU B 46 23.58 1.29 -7.64
C GLU B 46 22.41 1.59 -8.58
N VAL B 47 21.61 0.57 -8.95
CA VAL B 47 20.45 0.75 -9.83
C VAL B 47 19.45 1.71 -9.18
N GLY B 48 19.22 1.56 -7.88
CA GLY B 48 18.32 2.44 -7.15
C GLY B 48 18.76 3.89 -7.17
N GLU B 49 20.06 4.13 -6.93
CA GLU B 49 20.63 5.47 -7.00
C GLU B 49 20.49 6.07 -8.39
N GLU B 50 20.85 5.32 -9.44
CA GLU B 50 20.81 5.86 -10.80
C GLU B 50 19.38 6.29 -11.16
N TYR B 51 18.35 5.52 -10.75
CA TYR B 51 16.96 5.76 -11.15
C TYR B 51 16.12 6.42 -10.04
N LYS B 52 16.79 6.87 -8.97
CA LYS B 52 16.15 7.64 -7.90
C LYS B 52 14.92 6.91 -7.38
N LEU B 53 15.04 5.60 -7.15
CA LEU B 53 13.99 4.77 -6.57
C LEU B 53 14.07 4.82 -5.04
N GLN B 54 12.93 4.57 -4.39
CA GLN B 54 12.81 4.55 -2.92
C GLN B 54 13.64 3.43 -2.29
N ASN B 55 14.10 3.65 -1.06
CA ASN B 55 14.70 2.61 -0.22
C ASN B 55 13.80 1.37 -0.21
N GLU B 56 12.49 1.54 -0.01
CA GLU B 56 11.54 0.43 0.09
C GLU B 56 11.66 -0.53 -1.11
N THR B 57 11.70 0.02 -2.32
CA THR B 57 11.77 -0.77 -3.55
C THR B 57 12.95 -1.74 -3.50
N LEU B 58 14.08 -1.28 -2.97
CA LEU B 58 15.28 -2.12 -2.91
C LEU B 58 15.07 -3.24 -1.90
N HIS B 59 14.52 -2.94 -0.71
CA HIS B 59 14.27 -3.95 0.31
C HIS B 59 13.26 -5.00 -0.18
N LEU B 60 12.24 -4.61 -0.95
CA LEU B 60 11.28 -5.58 -1.49
C LEU B 60 11.96 -6.50 -2.52
N ALA B 61 12.75 -5.92 -3.42
CA ALA B 61 13.42 -6.68 -4.47
C ALA B 61 14.24 -7.80 -3.82
N VAL B 62 14.94 -7.43 -2.77
CA VAL B 62 15.79 -8.38 -2.06
C VAL B 62 14.92 -9.47 -1.44
N ASN B 63 13.79 -9.13 -0.83
CA ASN B 63 12.90 -10.13 -0.25
C ASN B 63 12.40 -11.07 -1.36
N TYR B 64 12.09 -10.54 -2.55
CA TYR B 64 11.62 -11.35 -3.67
C TYR B 64 12.70 -12.32 -4.14
N ILE B 65 13.92 -11.78 -4.36
CA ILE B 65 15.05 -12.58 -4.77
C ILE B 65 15.26 -13.75 -3.80
N ASP B 66 15.27 -13.48 -2.48
CA ASP B 66 15.60 -14.51 -1.51
C ASP B 66 14.50 -15.58 -1.46
N ARG B 67 13.23 -15.18 -1.57
CA ARG B 67 12.11 -16.13 -1.59
C ARG B 67 12.17 -16.96 -2.87
N PHE B 68 12.53 -16.33 -3.99
CA PHE B 68 12.63 -17.04 -5.25
C PHE B 68 13.74 -18.11 -5.16
N LEU B 69 14.92 -17.74 -4.65
CA LEU B 69 16.07 -18.65 -4.62
C LEU B 69 15.87 -19.76 -3.59
N SER B 70 14.93 -19.57 -2.66
CA SER B 70 14.45 -20.61 -1.75
C SER B 70 13.78 -21.76 -2.49
N SER B 71 13.24 -21.53 -3.70
CA SER B 71 12.38 -22.49 -4.39
C SER B 71 13.04 -23.02 -5.66
N MET B 72 13.85 -22.19 -6.32
CA MET B 72 14.38 -22.48 -7.63
C MET B 72 15.91 -22.48 -7.60
N SER B 73 16.51 -23.37 -8.39
CA SER B 73 17.95 -23.41 -8.62
C SER B 73 18.26 -22.50 -9.78
N VAL B 74 19.30 -21.68 -9.62
CA VAL B 74 19.67 -20.67 -10.61
C VAL B 74 21.19 -20.79 -10.83
N LEU B 75 21.62 -20.74 -12.09
CA LEU B 75 23.03 -20.69 -12.45
C LEU B 75 23.52 -19.26 -12.34
N ARG B 76 24.78 -19.07 -11.92
CA ARG B 76 25.37 -17.74 -11.73
C ARG B 76 25.12 -16.86 -12.95
N GLY B 77 25.15 -17.42 -14.17
CA GLY B 77 24.92 -16.62 -15.38
C GLY B 77 23.52 -15.98 -15.47
N LYS B 78 22.58 -16.44 -14.63
CA LYS B 78 21.17 -16.07 -14.70
C LYS B 78 20.74 -15.33 -13.42
N LEU B 79 21.64 -15.19 -12.45
CA LEU B 79 21.32 -14.60 -11.16
C LEU B 79 20.96 -13.12 -11.31
N GLN B 80 21.62 -12.45 -12.26
CA GLN B 80 21.39 -11.03 -12.45
C GLN B 80 20.00 -10.81 -13.07
N LEU B 81 19.54 -11.78 -13.88
CA LEU B 81 18.24 -11.71 -14.55
C LEU B 81 17.11 -11.81 -13.52
N VAL B 82 17.32 -12.62 -12.46
CA VAL B 82 16.35 -12.74 -11.37
C VAL B 82 16.23 -11.41 -10.62
N GLY B 83 17.38 -10.76 -10.39
CA GLY B 83 17.44 -9.46 -9.73
C GLY B 83 16.79 -8.34 -10.54
N THR B 84 17.01 -8.33 -11.85
CA THR B 84 16.40 -7.36 -12.77
C THR B 84 14.88 -7.47 -12.70
N ALA B 85 14.35 -8.69 -12.80
CA ALA B 85 12.91 -8.92 -12.75
C ALA B 85 12.40 -8.62 -11.34
N ALA B 86 13.18 -8.89 -10.30
CA ALA B 86 12.70 -8.62 -8.96
C ALA B 86 12.58 -7.11 -8.80
N MET B 87 13.56 -6.38 -9.37
CA MET B 87 13.63 -4.92 -9.25
C MET B 87 12.49 -4.29 -10.04
N LEU B 88 12.17 -4.83 -11.23
CA LEU B 88 11.03 -4.41 -12.06
C LEU B 88 9.71 -4.57 -11.29
N LEU B 89 9.50 -5.72 -10.63
CA LEU B 89 8.27 -6.02 -9.90
C LEU B 89 8.14 -5.12 -8.68
N ALA B 90 9.22 -4.99 -7.90
CA ALA B 90 9.26 -4.12 -6.74
C ALA B 90 8.91 -2.70 -7.17
N SER B 91 9.50 -2.23 -8.27
CA SER B 91 9.24 -0.91 -8.80
C SER B 91 7.77 -0.74 -9.18
N LYS B 92 7.21 -1.73 -9.88
CA LYS B 92 5.81 -1.65 -10.27
C LYS B 92 4.96 -1.55 -9.02
N PHE B 93 5.32 -2.28 -7.97
CA PHE B 93 4.47 -2.35 -6.79
C PHE B 93 4.50 -1.00 -6.04
N GLU B 94 5.68 -0.37 -5.95
CA GLU B 94 5.94 0.66 -4.95
C GLU B 94 6.13 2.06 -5.58
N GLU B 95 6.73 2.16 -6.76
CA GLU B 95 7.04 3.47 -7.33
C GLU B 95 5.82 4.10 -8.00
N ILE B 96 5.74 5.43 -8.01
CA ILE B 96 4.81 6.18 -8.84
C ILE B 96 5.22 6.04 -10.31
N TYR B 97 6.53 6.26 -10.58
CA TYR B 97 7.10 6.26 -11.93
C TYR B 97 8.20 5.21 -12.03
N PRO B 98 7.83 3.93 -12.26
CA PRO B 98 8.82 2.85 -12.35
C PRO B 98 9.60 2.94 -13.64
N PRO B 99 10.91 2.58 -13.67
CA PRO B 99 11.63 2.54 -14.93
C PRO B 99 10.87 1.59 -15.85
N GLU B 100 10.95 1.84 -17.16
CA GLU B 100 10.39 0.90 -18.13
C GLU B 100 11.42 -0.21 -18.34
N VAL B 101 10.97 -1.30 -18.96
CA VAL B 101 11.74 -2.53 -19.10
C VAL B 101 12.99 -2.27 -19.94
N ALA B 102 12.82 -1.55 -21.06
CA ALA B 102 13.90 -1.10 -21.94
C ALA B 102 15.07 -0.53 -21.16
N GLU B 103 14.79 0.18 -20.05
CA GLU B 103 15.80 0.80 -19.20
C GLU B 103 16.44 -0.20 -18.23
N PHE B 104 15.66 -1.21 -17.79
CA PHE B 104 16.19 -2.31 -17.00
C PHE B 104 17.17 -3.12 -17.85
N VAL B 105 16.85 -3.34 -19.13
CA VAL B 105 17.76 -3.99 -20.05
C VAL B 105 19.05 -3.18 -20.21
N TYR B 106 18.94 -1.84 -20.28
CA TYR B 106 20.08 -0.96 -20.48
C TYR B 106 21.03 -1.07 -19.29
N ILE B 107 20.46 -1.13 -18.09
CA ILE B 107 21.26 -1.10 -16.86
C ILE B 107 22.00 -2.43 -16.67
N THR B 108 21.54 -3.52 -17.32
CA THR B 108 22.24 -4.80 -17.34
C THR B 108 23.35 -4.83 -18.39
N ASP B 109 23.34 -3.84 -19.29
CA ASP B 109 24.31 -3.71 -20.37
C ASP B 109 24.02 -4.64 -21.56
N ASP B 110 22.75 -5.02 -21.81
CA ASP B 110 22.36 -5.98 -22.85
C ASP B 110 22.88 -7.41 -22.58
N THR B 111 23.13 -7.73 -21.30
CA THR B 111 23.42 -9.08 -20.86
C THR B 111 22.22 -9.98 -21.19
N TYR B 112 20.99 -9.41 -21.13
CA TYR B 112 19.72 -10.09 -21.42
C TYR B 112 18.85 -9.25 -22.37
N THR B 113 17.82 -9.87 -22.97
CA THR B 113 16.92 -9.22 -23.92
C THR B 113 15.63 -8.81 -23.22
N LYS B 114 14.87 -7.92 -23.86
CA LYS B 114 13.57 -7.50 -23.37
C LYS B 114 12.71 -8.75 -23.14
N LYS B 115 12.81 -9.69 -24.09
CA LYS B 115 12.08 -10.96 -24.05
C LYS B 115 12.40 -11.73 -22.75
N GLN B 116 13.68 -11.89 -22.40
CA GLN B 116 14.06 -12.68 -21.23
C GLN B 116 13.55 -12.04 -19.94
N VAL B 117 13.73 -10.73 -19.82
CA VAL B 117 13.33 -9.97 -18.64
C VAL B 117 11.81 -10.06 -18.40
N LEU B 118 10.99 -9.95 -19.44
CA LEU B 118 9.53 -10.05 -19.30
C LEU B 118 9.12 -11.44 -18.85
N ARG B 119 9.73 -12.47 -19.46
CA ARG B 119 9.48 -13.86 -19.14
C ARG B 119 9.91 -14.20 -17.72
N MET B 120 10.97 -13.57 -17.22
CA MET B 120 11.45 -13.83 -15.87
C MET B 120 10.49 -13.18 -14.89
N GLU B 121 9.95 -12.02 -15.24
CA GLU B 121 8.86 -11.41 -14.49
C GLU B 121 7.75 -12.45 -14.30
N HIS B 122 7.28 -13.06 -15.40
N HIS B 122 7.32 -13.09 -15.40
CA HIS B 122 6.25 -14.10 -15.38
CA HIS B 122 6.24 -14.07 -15.35
C HIS B 122 6.60 -15.17 -14.36
C HIS B 122 6.60 -15.17 -14.35
N LEU B 123 7.82 -15.71 -14.45
CA LEU B 123 8.24 -16.81 -13.58
C LEU B 123 8.36 -16.38 -12.12
N VAL B 124 8.83 -15.15 -11.84
CA VAL B 124 8.97 -14.71 -10.45
C VAL B 124 7.58 -14.60 -9.82
N LEU B 125 6.62 -14.08 -10.60
CA LEU B 125 5.25 -13.90 -10.11
C LEU B 125 4.65 -15.26 -9.77
N LYS B 126 4.82 -16.24 -10.66
CA LYS B 126 4.39 -17.61 -10.40
C LYS B 126 5.02 -18.15 -9.13
N VAL B 127 6.34 -18.00 -8.99
CA VAL B 127 7.03 -18.60 -7.86
C VAL B 127 6.58 -17.95 -6.57
N LEU B 128 6.28 -16.64 -6.60
CA LEU B 128 5.89 -15.91 -5.40
C LEU B 128 4.37 -15.96 -5.20
N THR B 129 3.67 -16.67 -6.10
CA THR B 129 2.20 -16.75 -6.15
C THR B 129 1.58 -15.34 -6.04
N PHE B 130 2.25 -14.34 -6.61
CA PHE B 130 1.82 -12.96 -6.65
C PHE B 130 1.75 -12.31 -5.26
N ASP B 131 2.51 -12.83 -4.27
CA ASP B 131 2.51 -12.25 -2.93
C ASP B 131 3.67 -11.26 -2.79
N LEU B 132 3.44 -10.01 -3.18
CA LEU B 132 4.50 -9.02 -3.30
C LEU B 132 4.53 -8.01 -2.15
N ALA B 133 3.50 -8.00 -1.31
CA ALA B 133 3.37 -6.99 -0.28
C ALA B 133 4.05 -7.46 1.02
N ALA B 134 5.38 -7.60 0.99
CA ALA B 134 6.12 -8.15 2.13
C ALA B 134 6.55 -7.05 3.07
N PRO B 135 6.52 -7.26 4.41
CA PRO B 135 7.15 -6.35 5.36
C PRO B 135 8.66 -6.29 5.23
N THR B 136 9.24 -5.10 5.39
CA THR B 136 10.68 -4.88 5.23
C THR B 136 11.20 -4.21 6.51
N VAL B 137 12.52 -4.33 6.72
CA VAL B 137 13.25 -3.58 7.75
C VAL B 137 12.84 -2.12 7.67
N ASN B 138 12.74 -1.60 6.45
CA ASN B 138 12.29 -0.25 6.16
C ASN B 138 10.96 0.09 6.85
N GLN B 139 9.93 -0.72 6.59
CA GLN B 139 8.61 -0.48 7.13
C GLN B 139 8.66 -0.48 8.66
N PHE B 140 9.51 -1.33 9.25
CA PHE B 140 9.62 -1.36 10.72
C PHE B 140 10.38 -0.16 11.23
N LEU B 141 11.42 0.28 10.50
CA LEU B 141 12.17 1.45 10.94
C LEU B 141 11.27 2.67 11.00
N THR B 142 10.48 2.91 9.94
CA THR B 142 9.63 4.10 9.88
C THR B 142 8.59 4.03 11.02
N GLN B 143 8.06 2.84 11.33
CA GLN B 143 7.20 2.65 12.50
C GLN B 143 7.93 3.08 13.77
N TYR B 144 9.20 2.64 13.94
CA TYR B 144 9.89 2.88 15.20
C TYR B 144 10.23 4.37 15.33
N PHE B 145 10.59 5.05 14.23
CA PHE B 145 10.99 6.46 14.25
C PHE B 145 9.92 7.39 14.83
N LEU B 146 8.63 7.01 14.81
CA LEU B 146 7.57 7.83 15.38
C LEU B 146 7.67 7.92 16.90
N HIS B 147 8.46 7.02 17.53
CA HIS B 147 8.58 6.94 18.98
C HIS B 147 9.81 7.68 19.50
N GLN B 148 10.51 8.39 18.61
CA GLN B 148 11.55 9.34 19.00
C GLN B 148 10.92 10.65 19.46
N GLN B 149 11.03 10.98 20.75
CA GLN B 149 10.38 12.19 21.26
C GLN B 149 11.03 13.42 20.60
N PRO B 150 12.37 13.53 20.57
CA PRO B 150 13.05 14.52 19.74
C PRO B 150 13.47 13.77 18.46
N ALA B 151 12.90 14.13 17.29
CA ALA B 151 13.24 13.39 16.08
C ALA B 151 14.65 13.79 15.63
N ASN B 152 15.54 12.82 15.39
CA ASN B 152 16.93 13.10 15.02
C ASN B 152 17.20 12.56 13.60
N CYS B 153 17.37 13.47 12.64
N CYS B 153 17.41 13.47 12.64
CA CYS B 153 17.49 13.14 11.22
CA CYS B 153 17.49 13.11 11.22
C CYS B 153 18.74 12.27 10.97
C CYS B 153 18.76 12.29 10.94
N LYS B 154 19.76 12.42 11.83
CA LYS B 154 21.03 11.67 11.75
C LYS B 154 20.90 10.24 12.28
N VAL B 155 20.17 10.04 13.40
CA VAL B 155 19.83 8.71 13.90
C VAL B 155 19.02 7.95 12.86
N GLU B 156 18.07 8.62 12.18
CA GLU B 156 17.18 8.01 11.20
C GLU B 156 17.98 7.51 9.99
N SER B 157 18.80 8.37 9.37
CA SER B 157 19.60 7.97 8.21
C SER B 157 20.54 6.81 8.56
N LEU B 158 21.17 6.88 9.75
CA LEU B 158 22.13 5.86 10.17
C LEU B 158 21.42 4.52 10.40
N ALA B 159 20.27 4.54 11.08
CA ALA B 159 19.42 3.37 11.24
C ALA B 159 19.09 2.75 9.88
N MET B 160 18.73 3.58 8.89
N MET B 160 18.78 3.59 8.90
CA MET B 160 18.45 3.14 7.53
CA MET B 160 18.48 3.20 7.53
C MET B 160 19.72 2.50 6.96
C MET B 160 19.71 2.60 6.84
N PHE B 161 20.88 3.15 7.18
CA PHE B 161 22.15 2.71 6.64
C PHE B 161 22.44 1.27 7.07
N LEU B 162 22.34 1.02 8.38
CA LEU B 162 22.60 -0.27 9.01
C LEU B 162 21.63 -1.33 8.48
N GLY B 163 20.35 -0.96 8.34
CA GLY B 163 19.35 -1.83 7.75
C GLY B 163 19.70 -2.23 6.31
N GLU B 164 20.23 -1.28 5.53
CA GLU B 164 20.65 -1.56 4.16
C GLU B 164 21.87 -2.49 4.18
N LEU B 165 22.78 -2.34 5.15
CA LEU B 165 23.98 -3.17 5.21
C LEU B 165 23.61 -4.64 5.42
N SER B 166 22.54 -4.88 6.19
CA SER B 166 22.03 -6.21 6.50
C SER B 166 21.50 -6.95 5.27
N LEU B 167 21.09 -6.22 4.21
CA LEU B 167 20.62 -6.81 2.96
C LEU B 167 21.76 -7.51 2.23
N ILE B 168 23.01 -7.12 2.51
CA ILE B 168 24.15 -7.57 1.72
C ILE B 168 24.55 -8.99 2.13
N ASP B 169 24.60 -9.25 3.44
CA ASP B 169 25.15 -10.48 4.01
C ASP B 169 24.04 -11.42 4.47
N ALA B 170 23.70 -12.38 3.61
CA ALA B 170 22.76 -13.48 3.87
C ALA B 170 23.10 -14.25 5.14
N ASP B 171 24.40 -14.43 5.38
CA ASP B 171 24.92 -14.92 6.64
C ASP B 171 25.53 -13.70 7.31
N PRO B 172 25.05 -13.26 8.50
CA PRO B 172 24.00 -13.95 9.26
C PRO B 172 22.54 -13.50 9.16
N TYR B 173 22.21 -12.54 8.28
CA TYR B 173 20.99 -11.75 8.49
C TYR B 173 19.69 -12.47 8.08
N LEU B 174 19.73 -13.60 7.38
CA LEU B 174 18.51 -14.39 7.13
C LEU B 174 17.96 -15.01 8.42
N LYS B 175 18.81 -15.23 9.42
CA LYS B 175 18.39 -15.75 10.72
C LYS B 175 17.32 -14.86 11.38
N TYR B 176 17.31 -13.55 11.07
CA TYR B 176 16.58 -12.57 11.86
C TYR B 176 15.38 -12.01 11.07
N LEU B 177 14.29 -11.74 11.81
CA LEU B 177 13.11 -11.10 11.26
C LEU B 177 13.38 -9.60 11.04
N PRO B 178 12.83 -9.01 9.97
CA PRO B 178 12.94 -7.57 9.75
C PRO B 178 12.71 -6.71 10.99
N SER B 179 11.73 -7.08 11.84
CA SER B 179 11.41 -6.32 13.05
C SER B 179 12.57 -6.31 14.06
N VAL B 180 13.37 -7.38 14.11
CA VAL B 180 14.47 -7.49 15.07
C VAL B 180 15.70 -6.75 14.51
N ILE B 181 15.99 -6.96 13.22
CA ILE B 181 17.05 -6.20 12.56
C ILE B 181 16.80 -4.70 12.75
N ALA B 182 15.58 -4.24 12.46
CA ALA B 182 15.16 -2.84 12.66
C ALA B 182 15.39 -2.41 14.10
N GLY B 183 14.99 -3.24 15.07
CA GLY B 183 15.25 -2.99 16.48
C GLY B 183 16.73 -2.75 16.74
N ALA B 184 17.56 -3.66 16.21
CA ALA B 184 19.01 -3.59 16.35
C ALA B 184 19.53 -2.28 15.75
N ALA B 185 19.10 -2.03 14.51
CA ALA B 185 19.52 -0.87 13.73
C ALA B 185 19.22 0.41 14.47
N PHE B 186 18.01 0.50 15.06
CA PHE B 186 17.55 1.74 15.65
C PHE B 186 18.37 2.03 16.91
N HIS B 187 18.53 0.98 17.73
CA HIS B 187 19.34 1.09 18.95
C HIS B 187 20.78 1.46 18.60
N LEU B 188 21.39 0.76 17.65
CA LEU B 188 22.77 1.00 17.32
C LEU B 188 22.93 2.44 16.82
N ALA B 189 21.98 2.92 16.01
CA ALA B 189 22.01 4.29 15.50
C ALA B 189 21.88 5.30 16.65
N LEU B 190 20.79 5.19 17.41
CA LEU B 190 20.60 5.96 18.62
C LEU B 190 21.88 6.04 19.45
N TYR B 191 22.45 4.89 19.83
CA TYR B 191 23.56 4.83 20.77
C TYR B 191 24.79 5.54 20.20
N THR B 192 25.06 5.29 18.91
CA THR B 192 26.19 5.85 18.19
C THR B 192 26.18 7.38 18.25
N VAL B 193 25.01 7.98 18.02
CA VAL B 193 24.87 9.40 17.72
C VAL B 193 24.64 10.20 19.00
N THR B 194 23.82 9.67 19.91
CA THR B 194 23.34 10.39 21.09
C THR B 194 23.67 9.68 22.40
N GLY B 195 24.07 8.41 22.35
CA GLY B 195 24.37 7.64 23.56
C GLY B 195 23.13 7.07 24.23
N GLN B 196 21.94 7.40 23.74
CA GLN B 196 20.69 6.84 24.24
C GLN B 196 20.53 5.36 23.81
N SER B 197 19.51 4.70 24.40
CA SER B 197 19.24 3.28 24.19
C SER B 197 17.76 3.01 23.88
N TRP B 198 17.52 2.02 22.98
CA TRP B 198 16.23 1.38 22.75
C TRP B 198 15.21 1.88 23.78
N PRO B 199 14.32 2.81 23.39
CA PRO B 199 13.38 3.41 24.34
C PRO B 199 12.41 2.45 25.03
N GLU B 200 11.92 2.84 26.22
CA GLU B 200 10.91 2.10 26.97
C GLU B 200 9.61 2.03 26.16
N SER B 201 9.35 3.04 25.30
CA SER B 201 8.14 3.08 24.48
C SER B 201 8.22 2.04 23.34
N LEU B 202 9.43 1.74 22.84
CA LEU B 202 9.55 0.72 21.80
C LEU B 202 9.55 -0.68 22.41
N ILE B 203 10.06 -0.84 23.64
CA ILE B 203 9.96 -2.11 24.36
C ILE B 203 8.50 -2.56 24.43
N ARG B 204 7.59 -1.63 24.81
CA ARG B 204 6.17 -1.90 24.97
C ARG B 204 5.51 -2.27 23.63
N LYS B 205 5.78 -1.48 22.58
CA LYS B 205 5.16 -1.66 21.27
C LYS B 205 5.54 -3.02 20.66
N THR B 206 6.84 -3.36 20.70
CA THR B 206 7.40 -4.52 20.01
C THR B 206 7.42 -5.78 20.90
N GLY B 207 7.50 -5.59 22.22
CA GLY B 207 7.77 -6.67 23.15
C GLY B 207 9.22 -7.14 23.12
N TYR B 208 10.12 -6.39 22.43
CA TYR B 208 11.54 -6.72 22.35
C TYR B 208 12.34 -5.92 23.36
N THR B 209 13.04 -6.58 24.28
CA THR B 209 13.94 -5.92 25.22
C THR B 209 15.31 -5.73 24.56
N LEU B 210 16.09 -4.77 25.07
CA LEU B 210 17.47 -4.59 24.63
C LEU B 210 18.19 -5.93 24.71
N GLU B 211 17.85 -6.72 25.74
CA GLU B 211 18.46 -8.02 25.99
C GLU B 211 18.10 -9.02 24.88
N SER B 212 16.82 -9.10 24.48
CA SER B 212 16.36 -10.00 23.42
C SER B 212 16.93 -9.64 22.03
N LEU B 213 17.49 -8.43 21.89
CA LEU B 213 18.02 -7.94 20.61
C LEU B 213 19.52 -8.20 20.51
N LYS B 214 20.14 -8.73 21.57
CA LYS B 214 21.59 -8.81 21.73
C LYS B 214 22.24 -9.60 20.59
N PRO B 215 21.75 -10.82 20.25
CA PRO B 215 22.34 -11.59 19.16
C PRO B 215 22.46 -10.74 17.89
N CYS B 216 21.37 -10.11 17.44
CA CYS B 216 21.33 -9.36 16.19
C CYS B 216 22.26 -8.15 16.30
N LEU B 217 22.31 -7.55 17.49
CA LEU B 217 23.17 -6.40 17.77
C LEU B 217 24.66 -6.76 17.67
N MET B 218 25.08 -7.88 18.28
N MET B 218 25.07 -7.88 18.30
CA MET B 218 26.47 -8.31 18.19
CA MET B 218 26.42 -8.40 18.20
C MET B 218 26.86 -8.46 16.72
C MET B 218 26.84 -8.44 16.72
N ASP B 219 25.98 -9.04 15.89
CA ASP B 219 26.24 -9.16 14.46
C ASP B 219 26.32 -7.78 13.76
N LEU B 220 25.39 -6.88 14.09
CA LEU B 220 25.22 -5.64 13.36
C LEU B 220 26.33 -4.67 13.71
N HIS B 221 26.69 -4.64 15.00
CA HIS B 221 27.90 -3.97 15.47
C HIS B 221 29.09 -4.38 14.61
N GLN B 222 29.33 -5.68 14.44
CA GLN B 222 30.47 -6.18 13.69
C GLN B 222 30.39 -5.66 12.26
N THR B 223 29.20 -5.78 11.64
CA THR B 223 29.04 -5.39 10.26
C THR B 223 29.41 -3.91 10.11
N TYR B 224 28.95 -3.11 11.08
CA TYR B 224 29.21 -1.68 11.10
C TYR B 224 30.72 -1.43 11.24
N LEU B 225 31.39 -2.15 12.16
CA LEU B 225 32.82 -2.00 12.42
C LEU B 225 33.64 -2.27 11.15
N LYS B 226 33.28 -3.31 10.38
CA LYS B 226 34.08 -3.77 9.26
C LYS B 226 33.56 -3.25 7.91
N ALA B 227 32.62 -2.28 7.91
CA ALA B 227 31.95 -1.82 6.70
C ALA B 227 32.94 -1.17 5.74
N PRO B 228 33.90 -0.35 6.20
CA PRO B 228 34.93 0.22 5.32
C PRO B 228 35.78 -0.83 4.59
N GLN B 229 35.85 -2.07 5.13
CA GLN B 229 36.68 -3.16 4.61
C GLN B 229 35.92 -4.02 3.62
N HIS B 230 34.57 -4.01 3.70
CA HIS B 230 33.72 -4.89 2.91
C HIS B 230 33.95 -4.65 1.41
N ALA B 231 33.99 -5.77 0.65
CA ALA B 231 34.15 -5.75 -0.79
C ALA B 231 33.14 -4.79 -1.46
N GLN B 232 31.86 -4.92 -1.08
CA GLN B 232 30.76 -4.12 -1.63
C GLN B 232 30.67 -2.79 -0.86
N GLN B 233 30.62 -1.68 -1.60
CA GLN B 233 30.75 -0.35 -1.00
C GLN B 233 29.65 0.61 -1.46
N SER B 234 28.71 0.15 -2.31
CA SER B 234 27.70 1.01 -2.92
C SER B 234 26.83 1.69 -1.86
N ILE B 235 26.62 1.02 -0.72
CA ILE B 235 25.77 1.52 0.35
C ILE B 235 26.51 2.56 1.19
N ARG B 236 27.76 2.29 1.58
CA ARG B 236 28.60 3.31 2.21
C ARG B 236 28.73 4.53 1.31
N GLU B 237 28.88 4.33 0.00
CA GLU B 237 28.99 5.41 -0.97
C GLU B 237 27.69 6.23 -1.00
N LYS B 238 26.55 5.53 -1.05
CA LYS B 238 25.25 6.17 -1.15
C LYS B 238 25.02 7.10 0.04
N TYR B 239 25.37 6.63 1.24
CA TYR B 239 25.08 7.32 2.50
C TYR B 239 26.21 8.29 2.89
N LYS B 240 27.06 8.68 1.92
CA LYS B 240 27.94 9.82 2.03
C LYS B 240 27.21 11.11 1.61
N ASN B 241 26.31 11.00 0.61
N ASN B 241 26.33 11.00 0.61
CA ASN B 241 25.57 12.12 0.03
CA ASN B 241 25.67 12.17 0.03
C ASN B 241 24.98 12.99 1.14
C ASN B 241 24.98 12.98 1.12
N SER B 242 24.71 14.26 0.82
CA SER B 242 24.02 15.18 1.71
C SER B 242 22.61 14.68 2.03
N LYS B 243 21.96 13.96 1.10
CA LYS B 243 20.60 13.49 1.31
C LYS B 243 20.49 12.67 2.61
N TYR B 244 21.55 11.91 2.98
CA TYR B 244 21.54 11.05 4.16
C TYR B 244 22.51 11.56 5.24
N HIS B 245 22.89 12.85 5.17
CA HIS B 245 23.61 13.54 6.25
C HIS B 245 25.00 12.94 6.50
N GLY B 246 25.61 12.31 5.47
CA GLY B 246 26.94 11.74 5.53
C GLY B 246 27.14 10.73 6.68
N VAL B 247 26.05 10.08 7.13
CA VAL B 247 26.11 9.17 8.27
C VAL B 247 27.10 8.03 8.02
N SER B 248 27.38 7.66 6.76
CA SER B 248 28.30 6.55 6.49
C SER B 248 29.71 6.89 6.95
N LEU B 249 29.99 8.18 7.23
CA LEU B 249 31.31 8.67 7.66
C LEU B 249 31.47 8.70 9.18
N LEU B 250 30.37 8.58 9.94
CA LEU B 250 30.48 8.52 11.40
C LEU B 250 31.34 7.34 11.81
N ASN B 251 32.16 7.54 12.85
CA ASN B 251 32.89 6.47 13.53
C ASN B 251 31.91 5.69 14.41
N PRO B 252 31.84 4.35 14.26
CA PRO B 252 31.00 3.54 15.13
C PRO B 252 31.58 3.51 16.53
N PRO B 253 30.81 3.06 17.55
CA PRO B 253 31.34 2.90 18.90
C PRO B 253 32.10 1.58 19.01
N GLU B 254 33.20 1.59 19.77
CA GLU B 254 33.98 0.39 20.03
C GLU B 254 33.19 -0.53 20.97
N THR B 255 32.64 0.05 22.06
CA THR B 255 31.92 -0.69 23.08
C THR B 255 30.42 -0.37 22.97
N LEU B 256 29.61 -1.42 22.80
CA LEU B 256 28.15 -1.30 22.83
C LEU B 256 27.69 -1.01 24.25
N ASN B 257 28.16 -1.78 25.24
CA ASN B 257 27.86 -1.44 26.63
C ASN B 257 26.34 -1.41 26.78
N LEU B 258 25.68 -2.50 26.37
CA LEU B 258 24.22 -2.64 26.40
C LEU B 258 23.67 -2.27 27.78
#